data_8X5X
#
_entry.id   8X5X
#
_cell.length_a   1.00
_cell.length_b   1.00
_cell.length_c   1.00
_cell.angle_alpha   90.00
_cell.angle_beta   90.00
_cell.angle_gamma   90.00
#
_symmetry.space_group_name_H-M   'P 1'
#
_entity_poly.entity_id   1
_entity_poly.type   'polypeptide(L)'
_entity_poly.pdbx_seq_one_letter_code
;DYKDDDDKTTMASPQLMPLVVVLSTICLVTVGLNLLVLYAVRSERKLHTVGNLYIVSLSVADLIVGAVVMPMNILYLLMS
KWSLGRPLCLFWLSMDYVASTASIFSVFILCIDRYRSVQQPLRYLKYRTKTRASATILGAWFLSFLWVIPILGWNHFMQQ
TSVRREDKCETDFYDVTWFKVMTAIINFYLPTLLMLWFYAKIYKAVKRQLADLEDNWETLNDNLKVIEKADNAAQVKDAL
TKMRAAALDAQKASGSGSPEMKDFRHGFDILVGQIDDALKLANEGKVKEAQAAAEQLKTTRNAYIQKYLKFCNRERKAAK
QLGFIMAAFILCWIPYFIFFMVIAFCKNCCNEHLHMFTIWLGYINSTLNPLIYPLCNENFKKTFKRILKIAALKEKIAAL
KEKIAALKEAEEKRASRLEEELRRRLTEGSHHHHHHHH
;
_entity_poly.pdbx_strand_id   B
#
# COMPACT_ATOMS: atom_id res chain seq x y z
N PRO A 18 -15.46 17.52 -14.14
CA PRO A 18 -16.02 16.18 -14.37
C PRO A 18 -15.27 15.11 -13.58
N LEU A 19 -13.95 15.01 -13.80
CA LEU A 19 -13.15 14.05 -13.08
C LEU A 19 -12.86 14.49 -11.65
N VAL A 20 -12.67 15.80 -11.44
CA VAL A 20 -12.22 16.30 -10.15
C VAL A 20 -13.26 15.99 -9.07
N VAL A 21 -14.55 16.14 -9.38
CA VAL A 21 -15.58 15.83 -8.40
C VAL A 21 -15.58 14.35 -8.07
N VAL A 22 -15.35 13.50 -9.08
CA VAL A 22 -15.29 12.07 -8.84
C VAL A 22 -14.13 11.72 -7.92
N LEU A 23 -12.95 12.30 -8.16
CA LEU A 23 -11.80 12.01 -7.31
C LEU A 23 -12.00 12.56 -5.90
N SER A 24 -12.65 13.72 -5.77
CA SER A 24 -12.95 14.25 -4.44
C SER A 24 -13.91 13.35 -3.68
N THR A 25 -14.93 12.83 -4.37
CA THR A 25 -15.82 11.85 -3.75
C THR A 25 -15.06 10.60 -3.34
N ILE A 26 -14.13 10.15 -4.20
CA ILE A 26 -13.29 9.00 -3.87
C ILE A 26 -12.52 9.25 -2.58
N CYS A 27 -11.90 10.43 -2.48
CA CYS A 27 -11.11 10.76 -1.30
C CYS A 27 -11.97 10.79 -0.05
N LEU A 28 -13.15 11.42 -0.13
CA LEU A 28 -14.00 11.50 1.06
C LEU A 28 -14.49 10.14 1.48
N VAL A 29 -14.88 9.29 0.51
CA VAL A 29 -15.32 7.94 0.85
C VAL A 29 -14.19 7.16 1.51
N THR A 30 -12.99 7.23 0.94
CA THR A 30 -11.85 6.50 1.50
C THR A 30 -11.58 6.93 2.94
N VAL A 31 -11.48 8.25 3.17
CA VAL A 31 -11.17 8.74 4.50
C VAL A 31 -12.28 8.39 5.48
N GLY A 32 -13.54 8.53 5.07
CA GLY A 32 -14.64 8.23 5.96
C GLY A 32 -14.70 6.76 6.34
N LEU A 33 -14.56 5.87 5.36
CA LEU A 33 -14.63 4.45 5.66
C LEU A 33 -13.46 4.01 6.52
N ASN A 34 -12.27 4.55 6.27
CA ASN A 34 -11.12 4.19 7.10
C ASN A 34 -11.26 4.73 8.51
N LEU A 35 -11.82 5.94 8.65
CA LEU A 35 -12.07 6.48 9.99
C LEU A 35 -13.08 5.63 10.74
N LEU A 36 -14.12 5.16 10.05
CA LEU A 36 -15.09 4.27 10.68
C LEU A 36 -14.44 2.94 11.06
N VAL A 37 -13.52 2.46 10.24
CA VAL A 37 -12.78 1.23 10.58
C VAL A 37 -11.98 1.44 11.85
N LEU A 38 -11.28 2.57 11.95
CA LEU A 38 -10.51 2.88 13.16
C LEU A 38 -11.42 3.01 14.37
N TYR A 39 -12.59 3.63 14.20
CA TYR A 39 -13.53 3.76 15.30
C TYR A 39 -14.03 2.39 15.77
N ALA A 40 -14.31 1.49 14.81
CA ALA A 40 -14.71 0.14 15.17
C ALA A 40 -13.60 -0.60 15.90
N VAL A 41 -12.35 -0.41 15.45
CA VAL A 41 -11.22 -1.08 16.08
C VAL A 41 -11.04 -0.59 17.52
N ARG A 42 -11.12 0.73 17.73
CA ARG A 42 -10.94 1.25 19.08
C ARG A 42 -12.12 0.89 19.98
N SER A 43 -13.33 0.81 19.41
CA SER A 43 -14.51 0.50 20.21
C SER A 43 -14.49 -0.96 20.68
N GLU A 44 -14.10 -1.88 19.81
CA GLU A 44 -14.04 -3.29 20.18
C GLU A 44 -12.83 -3.97 19.54
N LEU A 47 -12.72 -8.77 17.94
CA LEU A 47 -11.49 -8.08 17.52
C LEU A 47 -10.63 -7.74 18.73
N HIS A 48 -9.91 -6.61 18.62
CA HIS A 48 -9.05 -6.07 19.67
C HIS A 48 -8.18 -7.13 20.34
N THR A 49 -7.75 -8.13 19.56
CA THR A 49 -6.99 -9.26 20.10
C THR A 49 -5.90 -9.60 19.08
N VAL A 50 -5.33 -10.80 19.23
CA VAL A 50 -4.34 -11.28 18.28
C VAL A 50 -4.93 -11.35 16.88
N GLY A 51 -6.21 -11.72 16.78
CA GLY A 51 -6.89 -11.63 15.49
C GLY A 51 -7.07 -10.18 15.07
N ASN A 52 -7.06 -9.95 13.75
CA ASN A 52 -7.18 -8.61 13.17
C ASN A 52 -6.11 -7.66 13.69
N LEU A 53 -4.90 -8.19 13.89
CA LEU A 53 -3.85 -7.43 14.58
C LEU A 53 -3.16 -6.42 13.67
N TYR A 54 -2.99 -6.74 12.38
CA TYR A 54 -2.26 -5.87 11.46
C TYR A 54 -3.16 -5.17 10.46
N ILE A 55 -4.46 -5.46 10.43
CA ILE A 55 -5.35 -4.72 9.53
C ILE A 55 -5.42 -3.26 9.94
N VAL A 56 -5.08 -2.95 11.20
CA VAL A 56 -4.94 -1.57 11.62
C VAL A 56 -3.84 -0.88 10.84
N SER A 57 -2.75 -1.61 10.55
CA SER A 57 -1.66 -1.04 9.76
C SER A 57 -2.11 -0.74 8.34
N LEU A 58 -2.87 -1.65 7.72
CA LEU A 58 -3.42 -1.36 6.40
C LEU A 58 -4.37 -0.17 6.45
N SER A 59 -5.18 -0.07 7.50
CA SER A 59 -6.11 1.04 7.63
C SER A 59 -5.37 2.38 7.73
N VAL A 60 -4.32 2.42 8.55
CA VAL A 60 -3.58 3.68 8.70
C VAL A 60 -2.80 3.99 7.44
N ALA A 61 -2.28 2.98 6.74
CA ALA A 61 -1.61 3.22 5.47
C ALA A 61 -2.58 3.80 4.44
N ASP A 62 -3.81 3.28 4.41
CA ASP A 62 -4.82 3.82 3.49
C ASP A 62 -5.19 5.25 3.89
N LEU A 63 -5.34 5.51 5.20
CA LEU A 63 -5.50 6.88 5.67
C LEU A 63 -4.42 7.79 5.12
N ILE A 64 -3.16 7.36 5.24
CA ILE A 64 -2.05 8.20 4.80
C ILE A 64 -2.15 8.44 3.30
N VAL A 65 -2.25 7.37 2.51
CA VAL A 65 -2.22 7.55 1.05
C VAL A 65 -3.35 8.46 0.62
N GLY A 66 -4.57 8.18 1.05
CA GLY A 66 -5.69 9.03 0.72
C GLY A 66 -5.46 10.47 1.14
N ALA A 67 -5.37 10.70 2.46
CA ALA A 67 -5.40 12.05 3.00
C ALA A 67 -4.27 12.92 2.45
N VAL A 68 -3.05 12.38 2.34
CA VAL A 68 -1.90 13.21 2.01
C VAL A 68 -1.62 13.24 0.51
N VAL A 69 -1.97 12.18 -0.23
CA VAL A 69 -1.64 12.15 -1.64
C VAL A 69 -2.79 12.68 -2.48
N MET A 70 -4.02 12.20 -2.24
CA MET A 70 -5.13 12.49 -3.14
C MET A 70 -5.35 13.99 -3.36
N PRO A 71 -5.38 14.84 -2.34
CA PRO A 71 -5.47 16.29 -2.63
C PRO A 71 -4.30 16.79 -3.45
N MET A 72 -3.08 16.36 -3.15
CA MET A 72 -1.94 16.79 -3.94
C MET A 72 -2.03 16.25 -5.36
N ASN A 73 -2.51 15.01 -5.52
CA ASN A 73 -2.66 14.45 -6.85
C ASN A 73 -3.69 15.21 -7.67
N ILE A 74 -4.84 15.56 -7.07
CA ILE A 74 -5.86 16.28 -7.82
C ILE A 74 -5.40 17.69 -8.15
N LEU A 75 -4.66 18.33 -7.24
CA LEU A 75 -4.05 19.62 -7.58
C LEU A 75 -3.09 19.49 -8.75
N TYR A 76 -2.27 18.43 -8.76
CA TYR A 76 -1.32 18.24 -9.85
C TYR A 76 -2.03 17.93 -11.15
N LEU A 77 -3.22 17.31 -11.08
CA LEU A 77 -3.92 16.84 -12.26
C LEU A 77 -4.87 17.86 -12.88
N LEU A 78 -5.54 18.69 -12.07
CA LEU A 78 -6.58 19.58 -12.59
C LEU A 78 -6.06 20.42 -13.75
N MET A 79 -4.80 20.82 -13.68
CA MET A 79 -4.09 21.35 -14.84
C MET A 79 -2.80 20.56 -15.01
N SER A 80 -1.90 21.05 -15.86
CA SER A 80 -0.68 20.32 -16.15
C SER A 80 0.33 20.34 -15.00
N LYS A 81 0.87 21.52 -14.69
CA LYS A 81 2.09 21.61 -13.88
C LYS A 81 2.04 22.74 -12.85
N TRP A 82 0.96 22.84 -12.07
CA TRP A 82 1.03 23.68 -10.87
C TRP A 82 2.18 23.27 -9.98
N SER A 83 2.97 24.25 -9.57
CA SER A 83 4.07 24.01 -8.64
C SER A 83 3.58 24.10 -7.21
N LEU A 84 3.84 23.07 -6.42
CA LEU A 84 3.40 23.00 -5.04
C LEU A 84 4.37 23.67 -4.08
N GLY A 85 5.63 23.79 -4.45
CA GLY A 85 6.70 24.27 -3.59
C GLY A 85 7.73 23.15 -3.46
N ARG A 86 9.00 23.53 -3.49
CA ARG A 86 10.06 22.53 -3.45
C ARG A 86 9.99 21.66 -2.19
N PRO A 87 10.01 22.21 -0.97
CA PRO A 87 9.88 21.33 0.20
C PRO A 87 8.55 20.59 0.24
N LEU A 88 7.48 21.23 -0.23
CA LEU A 88 6.17 20.59 -0.25
C LEU A 88 6.15 19.42 -1.21
N CYS A 89 6.72 19.60 -2.42
CA CYS A 89 6.79 18.51 -3.38
C CYS A 89 7.65 17.37 -2.82
N LEU A 90 8.78 17.70 -2.20
CA LEU A 90 9.61 16.67 -1.58
C LEU A 90 8.82 15.88 -0.54
N PHE A 91 8.10 16.58 0.35
CA PHE A 91 7.41 15.91 1.43
C PHE A 91 6.23 15.08 0.93
N TRP A 92 5.50 15.59 -0.07
CA TRP A 92 4.40 14.82 -0.63
C TRP A 92 4.92 13.56 -1.31
N LEU A 93 6.01 13.68 -2.07
CA LEU A 93 6.61 12.50 -2.68
C LEU A 93 7.08 11.51 -1.61
N SER A 94 7.67 12.02 -0.54
CA SER A 94 8.13 11.17 0.53
C SER A 94 6.98 10.39 1.15
N MET A 95 5.88 11.07 1.48
CA MET A 95 4.73 10.37 2.05
C MET A 95 4.17 9.36 1.06
N ASP A 96 4.09 9.72 -0.23
CA ASP A 96 3.62 8.79 -1.24
C ASP A 96 4.41 7.49 -1.19
N TYR A 97 5.72 7.57 -1.40
CA TYR A 97 6.52 6.35 -1.48
C TYR A 97 6.55 5.60 -0.15
N VAL A 98 6.71 6.31 0.98
CA VAL A 98 6.84 5.59 2.23
C VAL A 98 5.51 4.93 2.59
N ALA A 99 4.38 5.57 2.32
CA ALA A 99 3.11 4.94 2.61
C ALA A 99 2.88 3.73 1.71
N SER A 100 3.25 3.83 0.43
CA SER A 100 3.10 2.68 -0.46
C SER A 100 3.91 1.49 0.05
N THR A 101 5.21 1.71 0.31
CA THR A 101 6.06 0.61 0.76
C THR A 101 5.65 0.12 2.15
N ALA A 102 5.16 1.01 3.00
CA ALA A 102 4.69 0.60 4.32
C ALA A 102 3.47 -0.30 4.21
N SER A 103 2.54 0.02 3.32
CA SER A 103 1.41 -0.88 3.09
C SER A 103 1.88 -2.22 2.54
N ILE A 104 2.83 -2.18 1.61
CA ILE A 104 3.30 -3.43 0.99
C ILE A 104 3.88 -4.34 2.05
N PHE A 105 4.83 -3.82 2.84
CA PHE A 105 5.47 -4.66 3.83
C PHE A 105 4.58 -4.89 5.04
N SER A 106 3.52 -4.09 5.22
CA SER A 106 2.53 -4.41 6.24
C SER A 106 1.76 -5.65 5.87
N VAL A 107 1.34 -5.77 4.61
CA VAL A 107 0.75 -7.01 4.14
C VAL A 107 1.75 -8.15 4.28
N PHE A 108 3.03 -7.88 3.97
CA PHE A 108 4.05 -8.92 4.07
C PHE A 108 4.18 -9.43 5.50
N ILE A 109 4.24 -8.52 6.48
CA ILE A 109 4.43 -8.95 7.86
C ILE A 109 3.14 -9.54 8.42
N LEU A 110 1.98 -9.08 7.95
CA LEU A 110 0.73 -9.75 8.31
C LEU A 110 0.76 -11.21 7.88
N CYS A 111 1.20 -11.46 6.64
CA CYS A 111 1.26 -12.83 6.16
C CYS A 111 2.31 -13.64 6.91
N ILE A 112 3.45 -13.02 7.24
CA ILE A 112 4.48 -13.73 7.98
C ILE A 112 4.00 -14.07 9.39
N ASP A 113 3.21 -13.19 9.99
CA ASP A 113 2.64 -13.48 11.31
C ASP A 113 1.54 -14.53 11.25
N ARG A 114 0.74 -14.56 10.19
CA ARG A 114 -0.21 -15.65 10.04
C ARG A 114 0.51 -17.00 9.88
N TYR A 115 1.58 -17.00 9.09
CA TYR A 115 2.40 -18.21 8.96
C TYR A 115 2.99 -18.63 10.30
N ARG A 116 3.48 -17.66 11.07
CA ARG A 116 3.98 -17.95 12.41
C ARG A 116 2.88 -18.55 13.29
N SER A 117 1.71 -17.91 13.32
CA SER A 117 0.64 -18.39 14.18
C SER A 117 0.18 -19.78 13.79
N VAL A 118 0.28 -20.13 12.50
CA VAL A 118 -0.21 -21.44 12.11
C VAL A 118 0.87 -22.52 12.28
N GLN A 119 2.15 -22.17 12.24
CA GLN A 119 3.17 -23.22 12.27
C GLN A 119 4.08 -23.20 13.50
N GLN A 120 4.54 -22.02 13.92
CA GLN A 120 5.55 -21.94 14.97
C GLN A 120 5.13 -22.56 16.31
N PRO A 121 3.91 -22.39 16.82
CA PRO A 121 3.58 -22.97 18.13
C PRO A 121 3.74 -24.48 18.18
N LEU A 122 3.78 -25.17 17.05
CA LEU A 122 4.13 -26.59 17.05
C LEU A 122 5.55 -26.79 17.57
N ARG A 123 6.48 -25.92 17.17
CA ARG A 123 7.86 -25.98 17.64
C ARG A 123 7.96 -25.50 19.08
N ARG A 128 3.66 -13.28 23.40
CA ARG A 128 4.53 -13.69 22.31
C ARG A 128 4.18 -12.94 21.02
N THR A 129 3.04 -13.28 20.44
CA THR A 129 2.62 -12.61 19.22
C THR A 129 2.27 -11.15 19.47
N LYS A 130 1.57 -10.86 20.57
CA LYS A 130 1.16 -9.49 20.86
C LYS A 130 2.35 -8.60 21.13
N THR A 131 3.32 -9.09 21.92
CA THR A 131 4.46 -8.25 22.29
C THR A 131 5.38 -8.02 21.10
N ARG A 132 5.50 -9.00 20.20
CA ARG A 132 6.36 -8.86 19.03
C ARG A 132 5.66 -8.15 17.87
N ALA A 133 4.33 -8.05 17.89
CA ALA A 133 3.62 -7.37 16.81
C ALA A 133 4.00 -5.90 16.75
N SER A 134 4.06 -5.24 17.91
CA SER A 134 4.45 -3.83 17.95
C SER A 134 5.87 -3.65 17.44
N ALA A 135 6.80 -4.50 17.89
CA ALA A 135 8.17 -4.39 17.43
C ALA A 135 8.26 -4.56 15.92
N THR A 136 7.54 -5.55 15.38
CA THR A 136 7.59 -5.78 13.94
C THR A 136 6.98 -4.61 13.16
N ILE A 137 5.88 -4.04 13.63
CA ILE A 137 5.27 -2.95 12.88
C ILE A 137 6.15 -1.70 12.94
N LEU A 138 6.77 -1.43 14.09
CA LEU A 138 7.68 -0.29 14.16
C LEU A 138 8.91 -0.53 13.29
N GLY A 139 9.41 -1.76 13.23
CA GLY A 139 10.51 -2.05 12.34
C GLY A 139 10.14 -1.85 10.88
N ALA A 140 8.93 -2.29 10.50
CA ALA A 140 8.47 -2.08 9.13
C ALA A 140 8.34 -0.59 8.82
N TRP A 141 7.80 0.17 9.77
CA TRP A 141 7.69 1.62 9.57
C TRP A 141 9.06 2.27 9.43
N PHE A 142 10.04 1.84 10.24
CA PHE A 142 11.37 2.41 10.15
C PHE A 142 12.04 2.07 8.82
N LEU A 143 11.91 0.83 8.36
CA LEU A 143 12.51 0.46 7.09
C LEU A 143 11.78 1.12 5.93
N SER A 144 10.51 1.47 6.11
CA SER A 144 9.79 2.23 5.10
C SER A 144 10.25 3.68 5.07
N PHE A 145 10.43 4.29 6.24
CA PHE A 145 10.78 5.69 6.33
C PHE A 145 12.27 5.95 6.09
N LEU A 146 13.12 4.93 6.11
CA LEU A 146 14.47 5.17 5.64
C LEU A 146 14.51 5.46 4.15
N TRP A 147 13.40 5.23 3.45
CA TRP A 147 13.31 5.56 2.04
C TRP A 147 13.29 7.07 1.79
N VAL A 148 13.02 7.87 2.83
CA VAL A 148 13.00 9.31 2.66
C VAL A 148 14.40 9.84 2.37
N ILE A 149 15.42 9.21 2.97
CA ILE A 149 16.79 9.71 2.80
C ILE A 149 17.24 9.71 1.35
N PRO A 150 17.01 8.67 0.54
CA PRO A 150 17.38 8.77 -0.88
C PRO A 150 16.76 9.96 -1.58
N ILE A 151 15.49 10.28 -1.28
CA ILE A 151 14.85 11.44 -1.91
C ILE A 151 15.44 12.74 -1.38
N LEU A 152 15.70 12.80 -0.06
CA LEU A 152 16.24 14.03 0.52
C LEU A 152 17.61 14.37 -0.06
N GLY A 153 18.48 13.37 -0.20
CA GLY A 153 19.81 13.62 -0.71
C GLY A 153 20.14 12.83 -1.96
N TRP A 154 20.26 13.54 -3.08
CA TRP A 154 20.68 12.93 -4.34
C TRP A 154 21.93 13.59 -4.91
N ASN A 155 22.04 14.91 -4.83
CA ASN A 155 23.22 15.65 -5.26
C ASN A 155 23.91 16.34 -4.10
N HIS A 156 23.32 16.31 -2.91
CA HIS A 156 23.92 16.97 -1.75
C HIS A 156 25.19 16.25 -1.33
N PHE A 157 25.09 14.95 -1.00
CA PHE A 157 26.22 14.16 -0.56
C PHE A 157 26.60 13.04 -1.53
N MET A 158 25.67 12.58 -2.36
CA MET A 158 25.89 11.44 -3.24
C MET A 158 26.11 11.88 -4.68
N GLN A 159 26.89 12.95 -4.87
CA GLN A 159 27.27 13.44 -6.19
C GLN A 159 27.64 12.33 -7.18
N ARG A 165 14.88 21.73 -11.69
CA ARG A 165 13.69 22.43 -12.16
C ARG A 165 12.83 22.87 -10.99
N GLU A 166 11.98 23.87 -11.22
CA GLU A 166 11.09 24.41 -10.19
C GLU A 166 9.62 24.29 -10.56
N ASP A 167 9.28 24.53 -11.83
CA ASP A 167 7.90 24.34 -12.27
C ASP A 167 7.47 22.88 -12.16
N LYS A 168 8.37 21.96 -12.49
CA LYS A 168 8.08 20.54 -12.33
C LYS A 168 7.88 20.19 -10.87
N CYS A 169 7.04 19.19 -10.61
CA CYS A 169 6.91 18.68 -9.25
C CYS A 169 7.17 17.17 -9.27
N GLU A 170 8.26 16.77 -9.93
CA GLU A 170 8.82 15.45 -9.70
C GLU A 170 9.83 15.49 -8.56
N THR A 171 10.93 16.20 -8.77
CA THR A 171 12.07 16.22 -7.86
C THR A 171 12.48 14.80 -7.47
N ASP A 172 13.00 14.09 -8.47
CA ASP A 172 13.50 12.73 -8.30
C ASP A 172 14.50 12.48 -9.41
N PHE A 173 14.88 11.23 -9.61
CA PHE A 173 15.83 10.90 -10.67
C PHE A 173 15.08 10.28 -11.86
N TYR A 174 15.23 10.91 -13.02
CA TYR A 174 14.78 10.35 -14.29
C TYR A 174 15.92 9.89 -15.18
N ASP A 175 17.07 10.57 -15.13
CA ASP A 175 18.17 10.25 -16.03
C ASP A 175 18.71 8.84 -15.75
N VAL A 176 18.85 8.46 -14.49
CA VAL A 176 19.30 7.12 -14.14
C VAL A 176 18.08 6.20 -14.21
N THR A 177 18.17 5.19 -15.06
CA THR A 177 17.06 4.25 -15.26
C THR A 177 17.22 2.97 -14.45
N TRP A 178 18.46 2.48 -14.31
CA TRP A 178 18.65 1.20 -13.62
C TRP A 178 18.39 1.33 -12.12
N PHE A 179 18.67 2.48 -11.52
CA PHE A 179 18.27 2.68 -10.12
C PHE A 179 16.75 2.66 -9.99
N LYS A 180 16.05 3.31 -10.91
CA LYS A 180 14.58 3.31 -10.85
C LYS A 180 14.03 1.91 -10.99
N VAL A 181 14.55 1.13 -11.93
CA VAL A 181 14.03 -0.23 -12.11
C VAL A 181 14.41 -1.11 -10.93
N MET A 182 15.56 -0.87 -10.32
CA MET A 182 15.94 -1.62 -9.12
C MET A 182 14.99 -1.32 -7.96
N THR A 183 14.62 -0.05 -7.81
CA THR A 183 13.65 0.31 -6.79
C THR A 183 12.30 -0.36 -7.06
N ALA A 184 11.89 -0.37 -8.32
CA ALA A 184 10.66 -1.07 -8.68
C ALA A 184 10.75 -2.55 -8.34
N ILE A 185 11.89 -3.17 -8.66
CA ILE A 185 12.15 -4.57 -8.29
C ILE A 185 11.89 -4.77 -6.80
N ILE A 186 12.69 -4.08 -5.97
CA ILE A 186 12.67 -4.33 -4.54
C ILE A 186 11.35 -3.91 -3.89
N ASN A 187 10.55 -3.07 -4.54
CA ASN A 187 9.30 -2.65 -3.92
C ASN A 187 8.11 -3.47 -4.38
N PHE A 188 8.16 -4.09 -5.55
CA PHE A 188 7.02 -4.88 -6.03
C PHE A 188 7.34 -6.35 -6.21
N TYR A 189 8.37 -6.69 -6.98
CA TYR A 189 8.51 -8.07 -7.44
C TYR A 189 8.99 -9.00 -6.34
N LEU A 190 9.98 -8.57 -5.54
CA LEU A 190 10.38 -9.38 -4.39
C LEU A 190 9.25 -9.56 -3.39
N PRO A 191 8.52 -8.52 -2.97
CA PRO A 191 7.33 -8.78 -2.14
C PRO A 191 6.31 -9.66 -2.83
N THR A 192 6.16 -9.56 -4.15
CA THR A 192 5.21 -10.42 -4.85
C THR A 192 5.59 -11.90 -4.75
N LEU A 193 6.87 -12.21 -4.97
CA LEU A 193 7.30 -13.60 -4.86
C LEU A 193 7.26 -14.09 -3.42
N LEU A 194 7.53 -13.21 -2.45
CA LEU A 194 7.35 -13.59 -1.06
C LEU A 194 5.89 -13.89 -0.75
N MET A 195 4.97 -13.08 -1.28
CA MET A 195 3.55 -13.36 -1.14
C MET A 195 3.19 -14.71 -1.73
N LEU A 196 3.69 -15.01 -2.93
CA LEU A 196 3.36 -16.28 -3.57
C LEU A 196 3.92 -17.47 -2.79
N TRP A 197 5.17 -17.35 -2.32
CA TRP A 197 5.76 -18.42 -1.54
C TRP A 197 5.00 -18.67 -0.25
N PHE A 198 4.62 -17.59 0.43
CA PHE A 198 3.88 -17.73 1.67
C PHE A 198 2.49 -18.29 1.44
N TYR A 199 1.84 -17.89 0.34
CA TYR A 199 0.54 -18.43 -0.01
C TYR A 199 0.63 -19.93 -0.27
N ALA A 200 1.64 -20.36 -1.02
CA ALA A 200 1.83 -21.78 -1.27
C ALA A 200 2.11 -22.54 0.02
N LYS A 201 2.95 -21.98 0.90
CA LYS A 201 3.23 -22.64 2.16
C LYS A 201 1.99 -22.78 3.02
N ILE A 202 1.18 -21.71 3.08
CA ILE A 202 -0.06 -21.76 3.87
C ILE A 202 -1.01 -22.80 3.29
N TYR A 203 -1.15 -22.84 1.97
CA TYR A 203 -2.04 -23.81 1.35
C TYR A 203 -1.59 -25.24 1.64
N LYS A 204 -0.29 -25.51 1.50
CA LYS A 204 0.22 -26.85 1.77
C LYS A 204 0.04 -27.23 3.23
N ALA A 205 0.32 -26.30 4.15
CA ALA A 205 0.16 -26.58 5.57
C ALA A 205 -1.30 -26.87 5.92
N VAL A 206 -2.23 -26.10 5.34
CA VAL A 206 -3.64 -26.33 5.61
C VAL A 206 -4.07 -27.69 5.05
N LYS A 207 -3.62 -28.03 3.85
CA LYS A 207 -3.97 -29.32 3.26
C LYS A 207 -3.44 -30.48 4.09
N ARG A 208 -2.19 -30.38 4.57
CA ARG A 208 -1.63 -31.49 5.32
C ARG A 208 -2.20 -31.58 6.73
N GLN A 209 -2.61 -30.44 7.31
CA GLN A 209 -3.18 -30.47 8.65
C GLN A 209 -4.50 -31.22 8.68
N LEU A 210 -5.36 -30.98 7.70
CA LEU A 210 -6.69 -31.59 7.69
C LEU A 210 -6.65 -32.99 7.10
N ASN A 313 -13.56 -24.42 8.68
CA ASN A 313 -14.20 -23.50 7.75
C ASN A 313 -13.81 -22.06 8.05
N ARG A 314 -13.59 -21.76 9.33
CA ARG A 314 -13.16 -20.41 9.70
C ARG A 314 -11.79 -20.09 9.12
N GLU A 315 -10.85 -21.03 9.22
CA GLU A 315 -9.54 -20.84 8.59
C GLU A 315 -9.66 -20.78 7.08
N ARG A 316 -10.61 -21.53 6.50
CA ARG A 316 -10.87 -21.41 5.07
C ARG A 316 -11.33 -20.01 4.71
N LYS A 317 -12.22 -19.42 5.52
CA LYS A 317 -12.68 -18.06 5.26
C LYS A 317 -11.54 -17.05 5.41
N ALA A 318 -10.68 -17.24 6.41
CA ALA A 318 -9.54 -16.34 6.57
C ALA A 318 -8.59 -16.43 5.38
N ALA A 319 -8.30 -17.65 4.94
CA ALA A 319 -7.45 -17.81 3.75
C ALA A 319 -8.09 -17.20 2.52
N LYS A 320 -9.42 -17.35 2.39
CA LYS A 320 -10.13 -16.80 1.24
C LYS A 320 -10.08 -15.27 1.23
N GLN A 321 -10.27 -14.64 2.39
CA GLN A 321 -10.22 -13.19 2.45
C GLN A 321 -8.81 -12.67 2.21
N LEU A 322 -7.78 -13.37 2.74
CA LEU A 322 -6.41 -12.97 2.47
C LEU A 322 -6.10 -13.11 0.98
N GLY A 323 -6.57 -14.18 0.35
CA GLY A 323 -6.34 -14.35 -1.07
C GLY A 323 -7.04 -13.30 -1.90
N PHE A 324 -8.26 -12.90 -1.50
CA PHE A 324 -8.95 -11.83 -2.21
C PHE A 324 -8.24 -10.50 -2.06
N ILE A 325 -7.72 -10.21 -0.86
CA ILE A 325 -6.94 -8.98 -0.68
C ILE A 325 -5.70 -9.01 -1.57
N MET A 326 -5.00 -10.14 -1.59
CA MET A 326 -3.82 -10.26 -2.44
C MET A 326 -4.19 -10.07 -3.92
N ALA A 327 -5.29 -10.68 -4.35
CA ALA A 327 -5.68 -10.58 -5.75
C ALA A 327 -6.05 -9.16 -6.14
N ALA A 328 -6.83 -8.47 -5.29
CA ALA A 328 -7.17 -7.08 -5.58
C ALA A 328 -5.92 -6.22 -5.62
N PHE A 329 -5.05 -6.36 -4.62
CA PHE A 329 -3.73 -5.74 -4.63
C PHE A 329 -3.03 -5.91 -5.97
N ILE A 330 -2.74 -7.16 -6.33
CA ILE A 330 -1.90 -7.42 -7.51
C ILE A 330 -2.59 -6.89 -8.75
N LEU A 331 -3.87 -7.20 -8.93
CA LEU A 331 -4.57 -6.86 -10.15
C LEU A 331 -4.61 -5.35 -10.36
N CYS A 332 -4.92 -4.58 -9.32
CA CYS A 332 -5.18 -3.17 -9.53
C CYS A 332 -3.99 -2.28 -9.10
N TRP A 333 -2.85 -2.87 -8.73
CA TRP A 333 -1.59 -2.14 -8.69
C TRP A 333 -0.56 -2.57 -9.73
N ILE A 334 -0.75 -3.69 -10.43
CA ILE A 334 0.20 -4.09 -11.47
C ILE A 334 0.21 -3.12 -12.65
N PRO A 335 -0.95 -2.50 -13.09
CA PRO A 335 -0.89 -1.70 -14.32
C PRO A 335 0.14 -0.59 -14.31
N TYR A 336 0.10 0.31 -13.31
CA TYR A 336 1.09 1.39 -13.28
C TYR A 336 2.50 0.88 -13.09
N PHE A 337 2.67 -0.14 -12.24
CA PHE A 337 4.01 -0.65 -11.97
C PHE A 337 4.68 -1.13 -13.26
N ILE A 338 4.00 -2.01 -14.00
CA ILE A 338 4.58 -2.46 -15.26
C ILE A 338 4.61 -1.31 -16.27
N PHE A 339 3.68 -0.36 -16.15
CA PHE A 339 3.58 0.74 -17.10
C PHE A 339 4.84 1.58 -17.08
N PHE A 340 5.24 2.03 -15.89
CA PHE A 340 6.45 2.84 -15.79
C PHE A 340 7.70 1.99 -15.74
N MET A 341 7.58 0.68 -15.48
CA MET A 341 8.72 -0.20 -15.69
C MET A 341 9.13 -0.22 -17.15
N VAL A 342 8.14 -0.30 -18.05
CA VAL A 342 8.43 -0.20 -19.47
C VAL A 342 8.84 1.24 -19.83
N ILE A 343 8.13 2.23 -19.29
CA ILE A 343 8.39 3.63 -19.62
C ILE A 343 9.61 4.20 -18.89
N ALA A 344 10.22 3.42 -17.99
CA ALA A 344 11.50 3.84 -17.42
C ALA A 344 12.48 4.22 -18.53
N PHE A 345 12.38 3.59 -19.70
CA PHE A 345 13.11 4.00 -20.89
C PHE A 345 12.34 3.52 -22.11
N CYS A 346 11.89 4.45 -22.95
CA CYS A 346 11.21 4.08 -24.19
C CYS A 346 11.17 5.30 -25.12
N LYS A 347 10.71 5.05 -26.35
CA LYS A 347 10.49 6.12 -27.31
C LYS A 347 9.02 6.55 -27.39
N ASN A 348 8.10 5.71 -26.94
CA ASN A 348 6.67 5.99 -26.95
C ASN A 348 6.15 6.22 -25.54
N CYS A 349 6.96 6.88 -24.71
CA CYS A 349 6.63 7.10 -23.31
C CYS A 349 5.54 8.14 -23.10
N CYS A 350 5.11 8.84 -24.14
CA CYS A 350 4.12 9.93 -24.01
C CYS A 350 2.72 9.35 -23.91
N ASN A 351 2.39 8.85 -22.73
CA ASN A 351 1.07 8.33 -22.40
C ASN A 351 0.63 8.80 -21.02
N GLU A 352 0.76 10.11 -20.78
CA GLU A 352 0.54 10.65 -19.43
C GLU A 352 -0.90 10.46 -18.96
N HIS A 353 -1.86 10.48 -19.88
CA HIS A 353 -3.26 10.27 -19.50
C HIS A 353 -3.43 8.89 -18.87
N LEU A 354 -2.86 7.86 -19.50
CA LEU A 354 -2.97 6.53 -18.92
C LEU A 354 -2.11 6.40 -17.67
N HIS A 355 -1.03 7.16 -17.58
CA HIS A 355 -0.28 7.24 -16.33
C HIS A 355 -1.18 7.67 -15.17
N MET A 356 -1.87 8.81 -15.33
CA MET A 356 -2.70 9.29 -14.24
C MET A 356 -3.91 8.38 -14.04
N PHE A 357 -4.38 7.74 -15.11
CA PHE A 357 -5.43 6.74 -14.97
C PHE A 357 -4.98 5.63 -14.05
N THR A 358 -3.76 5.13 -14.25
CA THR A 358 -3.22 4.08 -13.40
C THR A 358 -2.97 4.57 -11.98
N ILE A 359 -2.58 5.84 -11.82
CA ILE A 359 -2.43 6.40 -10.47
C ILE A 359 -3.76 6.35 -9.71
N TRP A 360 -4.82 6.89 -10.32
CA TRP A 360 -6.08 6.85 -9.59
C TRP A 360 -6.63 5.44 -9.49
N LEU A 361 -6.29 4.56 -10.42
CA LEU A 361 -6.70 3.16 -10.30
C LEU A 361 -6.05 2.50 -9.08
N GLY A 362 -4.74 2.69 -8.90
CA GLY A 362 -4.08 2.16 -7.73
C GLY A 362 -4.63 2.76 -6.45
N TYR A 363 -4.97 4.05 -6.49
CA TYR A 363 -5.56 4.66 -5.29
C TYR A 363 -6.94 4.09 -5.00
N ILE A 364 -7.70 3.77 -6.05
CA ILE A 364 -8.97 3.06 -5.88
C ILE A 364 -8.74 1.69 -5.24
N ASN A 365 -7.68 1.00 -5.65
CA ASN A 365 -7.39 -0.30 -5.05
C ASN A 365 -7.06 -0.15 -3.57
N SER A 366 -6.29 0.89 -3.23
CA SER A 366 -6.02 1.18 -1.83
C SER A 366 -7.31 1.47 -1.07
N THR A 367 -8.26 2.15 -1.72
CA THR A 367 -9.55 2.42 -1.10
C THR A 367 -10.35 1.15 -0.87
N LEU A 368 -10.36 0.25 -1.86
CA LEU A 368 -11.20 -0.94 -1.83
C LEU A 368 -10.59 -2.12 -1.10
N ASN A 369 -9.31 -2.06 -0.72
CA ASN A 369 -8.79 -3.08 0.19
C ASN A 369 -9.59 -3.10 1.50
N PRO A 370 -9.82 -1.98 2.18
CA PRO A 370 -10.80 -2.00 3.28
C PRO A 370 -12.25 -2.00 2.82
N LEU A 371 -12.51 -2.26 1.53
CA LEU A 371 -13.86 -2.58 1.08
C LEU A 371 -14.02 -4.06 0.79
N ILE A 372 -12.98 -4.71 0.25
CA ILE A 372 -12.98 -6.16 0.13
C ILE A 372 -12.89 -6.80 1.52
N TYR A 373 -12.14 -6.17 2.43
CA TYR A 373 -11.99 -6.73 3.78
C TYR A 373 -13.30 -6.91 4.55
N PRO A 374 -14.19 -5.92 4.64
CA PRO A 374 -15.34 -6.09 5.55
C PRO A 374 -16.33 -7.15 5.13
N LEU A 375 -16.56 -7.32 3.82
CA LEU A 375 -17.58 -8.25 3.35
C LEU A 375 -17.24 -9.70 3.71
N CYS A 376 -15.95 -10.00 3.86
CA CYS A 376 -15.56 -11.37 4.15
C CYS A 376 -15.78 -11.76 5.61
N ASN A 377 -15.59 -10.83 6.54
CA ASN A 377 -15.72 -11.12 7.96
C ASN A 377 -17.10 -10.66 8.44
N GLU A 378 -17.89 -11.59 8.97
CA GLU A 378 -19.22 -11.26 9.46
C GLU A 378 -19.18 -10.53 10.80
N ASN A 379 -18.18 -10.86 11.64
CA ASN A 379 -18.10 -10.24 12.96
C ASN A 379 -17.86 -8.73 12.85
N PHE A 380 -16.83 -8.35 12.10
CA PHE A 380 -16.56 -6.92 11.94
C PHE A 380 -17.62 -6.27 11.07
N LYS A 381 -18.30 -7.06 10.24
CA LYS A 381 -19.45 -6.56 9.50
C LYS A 381 -20.54 -6.08 10.45
N LYS A 382 -20.93 -6.94 11.40
CA LYS A 382 -21.87 -6.52 12.43
C LYS A 382 -21.31 -5.38 13.26
N THR A 383 -19.98 -5.34 13.42
CA THR A 383 -19.36 -4.27 14.18
C THR A 383 -19.62 -2.91 13.52
N PHE A 384 -19.36 -2.80 12.21
CA PHE A 384 -19.57 -1.49 11.60
C PHE A 384 -21.02 -1.26 11.22
N LYS A 385 -21.88 -2.28 11.30
CA LYS A 385 -23.31 -2.02 11.14
C LYS A 385 -23.82 -1.06 12.20
N ARG A 386 -23.15 -1.03 13.36
CA ARG A 386 -23.50 -0.10 14.43
C ARG A 386 -23.20 1.33 14.02
#